data_1DWE
#
_entry.id   1DWE
#
_cell.length_a   90.800
_cell.length_b   90.800
_cell.length_c   132.500
_cell.angle_alpha   90.00
_cell.angle_beta   90.00
_cell.angle_gamma   90.00
#
_symmetry.space_group_name_H-M   'P 43 21 2'
#
loop_
_entity.id
_entity.type
_entity.pdbx_description
1 polymer 'ALPHA-THROMBIN light chain'
2 polymer 'ALPHA-THROMBIN heavy chain'
3 polymer 'HIRUDIN IIIA'
4 non-polymer D-phenylalanyl-N-[(2S,3S)-6-{[amino(iminio)methyl]amino}-1-chloro-2-hydroxyhexan-3-yl]-L-prolinamide
5 water water
#
loop_
_entity_poly.entity_id
_entity_poly.type
_entity_poly.pdbx_seq_one_letter_code
_entity_poly.pdbx_strand_id
1 'polypeptide(L)' TFGSGEADCGLRPLFEKKSLEDKTERELLESYIDGR L
2 'polypeptide(L)'
;IVEGSDAEIGMSPWQVMLFRKSPQELLCGASLISDRWVLTAAHCLLYPPWDKNFTENDLLVRIGKHSRTRYERNIEKISM
LEKIYIHPRYNWRENLDRDIALMKLKKPVAFSDYIHPVCLPDRETAASLLQAGYKGRVTGWGNLKETWTANVGKGQPSVL
QVVNLPIVERPVCKDSTRIRITDNMFCAGYKPDEGKRGDACEGDSGGPFVMKSPFNNRWYQMGIVSWGEGCDRDGKYGFY
THVFRLKKWIQKVIDQFGE
;
H
3 'polypeptide(L)' DFEEIPEEYLQ I
#
loop_
_chem_comp.id
_chem_comp.type
_chem_comp.name
_chem_comp.formula
0G6 peptide-like D-phenylalanyl-N-[(2S,3S)-6-{[amino(iminio)methyl]amino}-1-chloro-2-hydroxyhexan-3-yl]-L-prolinamide 'C21 H34 Cl N6 O3 1'
#
# COMPACT_ATOMS: atom_id res chain seq x y z
N GLU A 6 8.24 -21.25 9.01
CA GLU A 6 7.06 -20.60 8.42
C GLU A 6 7.25 -19.12 8.25
N ALA A 7 8.47 -18.65 8.49
CA ALA A 7 8.79 -17.23 8.32
C ALA A 7 7.96 -16.31 9.19
N ASP A 8 8.68 -15.46 9.91
CA ASP A 8 8.11 -14.49 10.81
C ASP A 8 7.53 -13.32 10.02
N CYS A 9 6.30 -12.96 10.31
CA CYS A 9 5.71 -11.88 9.61
C CYS A 9 4.62 -11.26 10.40
N GLY A 10 4.29 -10.02 10.06
CA GLY A 10 3.23 -9.29 10.69
C GLY A 10 3.50 -8.86 12.09
N LEU A 11 4.65 -9.24 12.68
CA LEU A 11 4.97 -8.83 14.06
C LEU A 11 5.98 -7.70 14.08
N ARG A 12 5.55 -6.51 14.33
CA ARG A 12 6.48 -5.39 14.30
C ARG A 12 7.59 -5.39 15.37
N PRO A 13 8.85 -5.25 14.92
CA PRO A 13 9.99 -5.23 15.83
C PRO A 13 9.89 -4.19 16.94
N LEU A 14 9.32 -3.04 16.65
CA LEU A 14 9.23 -2.02 17.67
C LEU A 14 7.87 -2.00 18.30
N PHE A 15 6.99 -2.94 17.99
CA PHE A 15 5.69 -2.84 18.64
C PHE A 15 5.28 -4.17 19.25
N GLU A 16 4.74 -5.05 18.41
CA GLU A 16 4.36 -6.35 18.88
C GLU A 16 5.52 -6.98 19.66
N LYS A 17 6.67 -7.02 19.08
CA LYS A 17 7.82 -7.62 19.71
C LYS A 17 8.29 -6.99 21.00
N LYS A 18 7.76 -5.84 21.33
CA LYS A 18 8.15 -5.18 22.57
C LYS A 18 6.94 -4.94 23.43
N SER A 19 5.90 -5.68 23.17
CA SER A 19 4.68 -5.54 23.89
C SER A 19 4.06 -4.17 23.86
N LEU A 20 4.44 -3.34 22.90
CA LEU A 20 3.90 -2.00 22.76
C LEU A 20 2.86 -1.87 21.65
N GLU A 21 1.85 -1.06 21.87
CA GLU A 21 0.87 -0.89 20.84
C GLU A 21 0.93 0.51 20.30
N ASP A 22 0.57 0.71 19.04
CA ASP A 22 0.60 2.05 18.46
C ASP A 22 -0.63 2.85 18.83
N LYS A 23 -0.62 4.13 18.49
CA LYS A 23 -1.71 5.05 18.82
C LYS A 23 -3.10 4.79 18.27
N THR A 24 -3.27 4.16 17.13
CA THR A 24 -4.65 4.03 16.68
C THR A 24 -5.15 2.65 16.44
N GLU A 25 -4.31 1.70 16.79
CA GLU A 25 -4.52 0.28 16.69
C GLU A 25 -5.85 -0.20 17.29
N ARG A 26 -6.20 0.33 18.45
CA ARG A 26 -7.42 -0.06 19.12
C ARG A 26 -8.66 0.25 18.33
N GLU A 27 -8.58 1.29 17.51
CA GLU A 27 -9.69 1.62 16.69
C GLU A 27 -9.99 0.40 15.81
N LEU A 28 -8.93 -0.28 15.32
CA LEU A 28 -9.05 -1.48 14.47
C LEU A 28 -9.75 -2.62 15.19
N LEU A 29 -9.13 -3.03 16.30
CA LEU A 29 -9.65 -4.13 17.12
C LEU A 29 -11.08 -3.98 17.56
N GLU A 30 -11.45 -2.80 18.02
CA GLU A 30 -12.81 -2.59 18.45
C GLU A 30 -13.78 -2.76 17.34
N SER A 31 -13.41 -2.38 16.14
CA SER A 31 -14.32 -2.56 15.05
C SER A 31 -14.82 -4.02 14.91
N TYR A 32 -14.15 -4.95 15.59
CA TYR A 32 -14.48 -6.34 15.52
C TYR A 32 -15.61 -6.68 16.43
N ILE A 33 -15.69 -5.97 17.52
CA ILE A 33 -16.75 -6.25 18.46
C ILE A 33 -17.87 -5.21 18.43
N ILE B 1 -2.48 10.46 1.23
CA ILE B 1 -3.51 10.17 2.21
C ILE B 1 -4.22 11.43 2.69
N VAL B 2 -5.57 11.33 2.71
CA VAL B 2 -6.44 12.41 3.12
C VAL B 2 -7.01 12.17 4.51
N GLU B 3 -6.99 13.20 5.32
CA GLU B 3 -7.49 13.13 6.65
C GLU B 3 -6.81 12.08 7.46
N GLY B 4 -5.56 11.79 7.14
CA GLY B 4 -4.78 10.80 7.87
C GLY B 4 -3.94 11.39 9.02
N SER B 5 -2.84 10.75 9.38
CA SER B 5 -1.92 11.18 10.43
C SER B 5 -0.49 10.78 10.14
N ASP B 6 0.42 11.36 10.88
CA ASP B 6 1.80 11.01 10.69
C ASP B 6 1.98 9.64 11.24
N ALA B 7 2.72 8.81 10.60
CA ALA B 7 2.87 7.55 11.18
C ALA B 7 3.92 7.66 12.23
N GLU B 8 3.93 6.70 13.18
CA GLU B 8 4.93 6.64 14.25
C GLU B 8 6.13 5.92 13.60
N ILE B 9 7.31 6.01 14.15
CA ILE B 9 8.44 5.33 13.51
C ILE B 9 8.32 3.83 13.58
N GLY B 10 8.71 3.16 12.51
CA GLY B 10 8.66 1.70 12.43
C GLY B 10 7.26 1.10 12.67
N MET B 11 6.23 1.92 12.45
CA MET B 11 4.87 1.51 12.65
C MET B 11 4.30 0.68 11.48
N SER B 12 5.02 0.67 10.39
CA SER B 12 4.61 -0.05 9.20
C SER B 12 5.89 -0.37 8.39
N PRO B 13 6.72 -1.28 8.94
CA PRO B 13 8.01 -1.68 8.38
C PRO B 13 8.03 -2.44 7.07
N TRP B 14 6.85 -2.70 6.52
CA TRP B 14 6.74 -3.42 5.28
C TRP B 14 6.44 -2.48 4.16
N GLN B 15 6.29 -1.22 4.52
CA GLN B 15 6.00 -0.17 3.57
C GLN B 15 7.24 0.12 2.72
N VAL B 16 7.07 0.04 1.39
CA VAL B 16 8.09 0.30 0.39
C VAL B 16 7.73 1.49 -0.50
N MET B 17 8.73 2.31 -0.83
CA MET B 17 8.55 3.47 -1.69
C MET B 17 9.08 3.12 -3.09
N LEU B 18 8.33 3.46 -4.10
CA LEU B 18 8.74 3.19 -5.46
C LEU B 18 9.32 4.48 -6.02
N PHE B 19 10.65 4.56 -6.12
CA PHE B 19 11.34 5.73 -6.60
C PHE B 19 11.79 5.67 -8.08
N ARG B 20 11.56 6.77 -8.77
CA ARG B 20 11.93 6.93 -10.16
C ARG B 20 13.34 7.53 -10.28
N LYS B 21 14.21 6.93 -11.08
CA LYS B 21 15.59 7.42 -11.25
C LYS B 21 15.74 8.81 -11.84
N SER B 22 15.12 9.03 -12.99
CA SER B 22 15.21 10.29 -13.68
C SER B 22 14.00 10.62 -14.53
N PRO B 23 13.33 11.71 -14.20
CA PRO B 23 13.71 12.56 -13.11
C PRO B 23 13.40 11.91 -11.77
N GLN B 24 14.13 12.28 -10.74
CA GLN B 24 13.85 11.71 -9.45
C GLN B 24 12.45 12.07 -9.02
N GLU B 25 11.68 11.09 -8.63
CA GLU B 25 10.37 11.41 -8.20
C GLU B 25 9.69 10.19 -7.61
N LEU B 26 8.68 10.41 -6.80
CA LEU B 26 7.93 9.35 -6.17
C LEU B 26 6.83 8.75 -7.07
N LEU B 27 6.97 7.50 -7.44
CA LEU B 27 5.96 6.86 -8.28
C LEU B 27 4.76 6.32 -7.48
N CYS B 28 5.03 5.44 -6.52
CA CYS B 28 4.00 4.82 -5.72
C CYS B 28 4.53 4.15 -4.46
N GLY B 29 3.59 3.55 -3.73
CA GLY B 29 3.90 2.80 -2.54
C GLY B 29 4.03 1.30 -2.91
N ALA B 30 4.26 0.48 -1.93
CA ALA B 30 4.39 -0.96 -2.15
C ALA B 30 4.57 -1.62 -0.83
N SER B 31 4.65 -2.94 -0.81
CA SER B 31 4.83 -3.63 0.45
C SER B 31 5.83 -4.71 0.31
N LEU B 32 6.57 -4.96 1.38
CA LEU B 32 7.58 -6.00 1.42
C LEU B 32 6.96 -7.31 1.91
N ILE B 33 6.88 -8.36 1.05
CA ILE B 33 6.30 -9.64 1.47
C ILE B 33 7.34 -10.69 1.79
N SER B 34 8.62 -10.40 1.47
CA SER B 34 9.74 -11.31 1.75
C SER B 34 11.05 -10.63 1.49
N ASP B 35 12.12 -11.20 1.98
CA ASP B 35 13.43 -10.64 1.82
C ASP B 35 13.80 -10.36 0.38
N ARG B 36 12.99 -10.78 -0.59
CA ARG B 36 13.41 -10.49 -1.95
C ARG B 36 12.29 -10.15 -2.95
N TRP B 37 11.02 -10.20 -2.48
CA TRP B 37 9.84 -9.91 -3.31
C TRP B 37 9.07 -8.74 -2.79
N VAL B 38 8.55 -7.92 -3.73
CA VAL B 38 7.78 -6.69 -3.46
C VAL B 38 6.46 -6.72 -4.22
N LEU B 39 5.39 -6.32 -3.57
CA LEU B 39 4.09 -6.33 -4.16
C LEU B 39 3.54 -4.93 -4.33
N THR B 40 3.18 -4.58 -5.57
CA THR B 40 2.65 -3.27 -5.83
C THR B 40 1.45 -3.36 -6.75
N ALA B 41 0.96 -2.19 -7.20
CA ALA B 41 -0.19 -2.14 -8.11
C ALA B 41 0.39 -2.08 -9.51
N ALA B 42 -0.23 -2.80 -10.46
CA ALA B 42 0.26 -2.80 -11.83
C ALA B 42 0.25 -1.44 -12.47
N HIS B 43 -0.85 -0.73 -12.32
CA HIS B 43 -0.95 0.60 -12.90
C HIS B 43 0.18 1.54 -12.52
N CYS B 44 1.04 1.13 -11.57
CA CYS B 44 2.19 1.97 -11.18
C CYS B 44 3.31 1.90 -12.21
N LEU B 45 3.39 0.74 -12.88
CA LEU B 45 4.38 0.44 -13.85
C LEU B 45 3.86 0.44 -15.26
N LEU B 46 2.56 0.26 -15.42
CA LEU B 46 2.02 0.19 -16.76
C LEU B 46 0.60 0.68 -16.88
N TYR B 47 0.50 1.83 -17.54
CA TYR B 47 -0.78 2.48 -17.80
C TYR B 47 -0.68 3.32 -19.09
N PRO B 48 -0.91 2.63 -20.22
CA PRO B 48 -0.86 3.25 -21.53
C PRO B 48 -1.54 4.61 -21.64
N PRO B 49 -2.83 4.74 -21.29
CA PRO B 49 -3.53 6.01 -21.37
C PRO B 49 -2.72 7.20 -20.86
N TRP B 50 -2.07 7.05 -19.76
CA TRP B 50 -1.27 8.14 -19.26
C TRP B 50 0.09 7.99 -19.82
N ASP B 51 0.21 7.12 -20.78
CA ASP B 51 1.49 6.89 -21.38
C ASP B 51 2.55 6.57 -20.34
N LYS B 52 2.32 5.46 -19.63
CA LYS B 52 3.22 5.01 -18.61
C LYS B 52 3.59 3.53 -18.79
N ASN B 53 4.89 3.25 -18.93
CA ASN B 53 5.33 1.91 -19.11
C ASN B 53 6.78 1.78 -18.73
N PHE B 54 7.06 1.65 -17.42
CA PHE B 54 8.42 1.53 -16.87
C PHE B 54 9.00 0.16 -16.96
N THR B 55 10.31 0.08 -16.79
CA THR B 55 11.01 -1.19 -16.83
C THR B 55 11.96 -1.27 -15.68
N GLU B 56 12.51 -2.46 -15.44
CA GLU B 56 13.44 -2.66 -14.37
C GLU B 56 14.53 -1.60 -14.23
N ASN B 57 14.97 -0.98 -15.30
CA ASN B 57 16.04 -0.02 -15.15
C ASN B 57 15.62 1.35 -14.77
N ASP B 58 14.39 1.64 -15.01
CA ASP B 58 13.86 2.96 -14.70
C ASP B 58 13.63 3.25 -13.26
N LEU B 59 13.53 2.21 -12.45
CA LEU B 59 13.20 2.40 -11.03
C LEU B 59 14.18 1.84 -10.02
N LEU B 60 13.88 2.27 -8.80
CA LEU B 60 14.51 1.95 -7.58
C LEU B 60 13.41 1.76 -6.54
N VAL B 61 13.69 0.90 -5.58
CA VAL B 61 12.87 0.55 -4.46
C VAL B 61 13.56 1.00 -3.18
N ARG B 62 12.84 1.71 -2.31
CA ARG B 62 13.41 2.23 -1.06
C ARG B 62 12.63 1.71 0.15
N ILE B 63 13.32 0.89 0.98
CA ILE B 63 12.73 0.24 2.17
C ILE B 63 13.24 0.81 3.48
N GLY B 64 12.35 0.84 4.51
CA GLY B 64 12.66 1.34 5.85
C GLY B 64 12.53 2.88 6.03
N LYS B 65 11.82 3.54 5.11
CA LYS B 65 11.66 4.96 5.15
C LYS B 65 10.50 5.49 5.98
N HIS B 66 10.72 6.72 6.48
CA HIS B 66 9.75 7.48 7.28
C HIS B 66 9.45 8.77 6.52
N SER B 67 10.51 9.51 6.31
CA SER B 67 10.43 10.73 5.61
C SER B 67 10.23 10.49 4.13
N ARG B 68 9.54 11.40 3.49
CA ARG B 68 9.29 11.29 2.09
C ARG B 68 10.50 11.66 1.22
N THR B 69 11.17 12.76 1.56
CA THR B 69 12.30 13.26 0.78
C THR B 69 13.70 12.98 1.28
N ARG B 70 13.91 12.88 2.57
CA ARG B 70 15.26 12.63 3.08
C ARG B 70 15.87 11.34 2.63
N TYR B 71 17.19 11.33 2.68
CA TYR B 71 17.96 10.15 2.39
C TYR B 71 18.36 9.70 3.75
N GLU B 72 17.70 8.66 4.23
CA GLU B 72 17.87 8.12 5.56
C GLU B 72 18.99 7.08 5.66
N ARG B 73 20.22 7.59 5.50
CA ARG B 73 21.49 6.85 5.53
C ARG B 73 21.53 5.69 6.50
N ASN B 74 21.16 5.93 7.73
CA ASN B 74 21.19 4.93 8.78
C ASN B 74 20.05 3.92 8.83
N ILE B 75 18.90 4.21 8.25
CA ILE B 75 17.79 3.28 8.31
C ILE B 75 17.26 2.70 7.00
N GLU B 76 17.25 3.48 5.92
CA GLU B 76 16.72 2.93 4.67
C GLU B 76 17.66 2.10 3.88
N LYS B 77 17.10 1.34 2.98
CA LYS B 77 17.89 0.49 2.12
C LYS B 77 17.38 0.62 0.66
N ILE B 78 18.29 0.95 -0.27
CA ILE B 78 17.98 1.11 -1.67
C ILE B 78 18.32 -0.08 -2.53
N SER B 79 17.34 -0.66 -3.21
CA SER B 79 17.54 -1.85 -4.04
C SER B 79 17.14 -1.68 -5.48
N MET B 80 17.75 -2.46 -6.35
CA MET B 80 17.46 -2.43 -7.76
C MET B 80 16.62 -3.64 -8.16
N LEU B 81 15.75 -3.50 -9.14
CA LEU B 81 14.92 -4.61 -9.57
C LEU B 81 15.63 -5.58 -10.49
N GLU B 82 15.22 -6.82 -10.44
CA GLU B 82 15.80 -7.83 -11.27
C GLU B 82 14.83 -8.18 -12.34
N LYS B 83 13.59 -8.31 -11.97
CA LYS B 83 12.56 -8.66 -12.88
C LYS B 83 11.24 -8.17 -12.33
N ILE B 84 10.33 -7.83 -13.18
CA ILE B 84 9.01 -7.35 -12.81
C ILE B 84 7.94 -8.24 -13.41
N TYR B 85 6.88 -8.53 -12.70
CA TYR B 85 5.81 -9.38 -13.23
C TYR B 85 4.44 -8.72 -13.09
N ILE B 86 3.74 -8.58 -14.18
CA ILE B 86 2.41 -8.01 -14.16
C ILE B 86 1.35 -9.09 -14.51
N HIS B 87 0.24 -9.11 -13.77
CA HIS B 87 -0.83 -10.08 -14.04
C HIS B 87 -1.25 -10.11 -15.53
N PRO B 88 -1.10 -11.26 -16.17
CA PRO B 88 -1.45 -11.42 -17.56
C PRO B 88 -2.83 -10.88 -17.91
N ARG B 89 -3.77 -10.97 -17.01
CA ARG B 89 -5.08 -10.48 -17.32
C ARG B 89 -5.50 -9.15 -16.66
N TYR B 90 -4.50 -8.32 -16.36
CA TYR B 90 -4.68 -7.00 -15.76
C TYR B 90 -5.33 -6.15 -16.81
N ASN B 91 -6.50 -5.64 -16.52
CA ASN B 91 -7.27 -4.83 -17.45
C ASN B 91 -7.17 -3.32 -17.24
N TRP B 92 -6.24 -2.73 -17.98
CA TRP B 92 -6.00 -1.31 -17.90
C TRP B 92 -6.83 -0.51 -18.86
N ARG B 93 -7.63 -1.21 -19.66
CA ARG B 93 -8.50 -0.58 -20.64
C ARG B 93 -9.87 -0.14 -20.13
N GLU B 94 -10.41 -0.74 -19.08
CA GLU B 94 -11.71 -0.28 -18.66
C GLU B 94 -11.96 -0.17 -17.18
N ASN B 95 -11.47 -1.10 -16.37
CA ASN B 95 -11.76 -0.96 -14.96
C ASN B 95 -10.59 -1.19 -14.00
N LEU B 96 -9.44 -1.48 -14.54
CA LEU B 96 -8.27 -1.72 -13.71
C LEU B 96 -8.40 -3.03 -12.95
N ASP B 97 -9.14 -3.97 -13.50
CA ASP B 97 -9.30 -5.23 -12.84
C ASP B 97 -7.94 -5.89 -12.78
N ARG B 98 -7.65 -6.49 -11.62
CA ARG B 98 -6.40 -7.18 -11.37
C ARG B 98 -5.19 -6.26 -11.36
N ASP B 99 -5.38 -5.12 -10.76
CA ASP B 99 -4.30 -4.15 -10.66
C ASP B 99 -3.27 -4.68 -9.65
N ILE B 100 -2.51 -5.69 -10.02
CA ILE B 100 -1.53 -6.23 -9.12
C ILE B 100 -0.20 -6.47 -9.82
N ALA B 101 0.90 -6.48 -9.07
CA ALA B 101 2.22 -6.70 -9.68
C ALA B 101 3.27 -7.09 -8.67
N LEU B 102 4.17 -8.00 -9.05
CA LEU B 102 5.24 -8.42 -8.18
C LEU B 102 6.57 -7.94 -8.72
N MET B 103 7.51 -7.63 -7.84
CA MET B 103 8.81 -7.17 -8.22
C MET B 103 9.87 -7.97 -7.48
N LYS B 104 10.86 -8.46 -8.24
CA LYS B 104 11.95 -9.23 -7.66
C LYS B 104 13.23 -8.43 -7.36
N LEU B 105 13.67 -8.42 -6.12
CA LEU B 105 14.89 -7.68 -5.83
C LEU B 105 16.12 -8.40 -6.36
N LYS B 106 17.18 -7.63 -6.60
CA LYS B 106 18.42 -8.17 -7.10
C LYS B 106 19.17 -8.95 -6.08
N LYS B 107 19.03 -8.54 -4.83
CA LYS B 107 19.65 -9.14 -3.68
C LYS B 107 18.76 -8.90 -2.50
N PRO B 108 18.56 -9.91 -1.67
CA PRO B 108 17.72 -9.83 -0.50
C PRO B 108 18.12 -8.73 0.42
N VAL B 109 17.11 -8.04 1.01
CA VAL B 109 17.39 -6.96 1.93
C VAL B 109 17.53 -7.60 3.27
N ALA B 110 18.17 -6.90 4.19
CA ALA B 110 18.35 -7.45 5.53
C ALA B 110 17.31 -6.89 6.42
N PHE B 111 16.52 -7.73 7.04
CA PHE B 111 15.49 -7.25 7.91
C PHE B 111 16.05 -6.48 9.05
N SER B 112 15.24 -5.62 9.65
CA SER B 112 15.70 -4.80 10.77
C SER B 112 14.56 -4.33 11.62
N ASP B 113 14.77 -3.28 12.42
CA ASP B 113 13.69 -2.76 13.26
C ASP B 113 12.81 -1.86 12.43
N TYR B 114 13.29 -1.55 11.25
CA TYR B 114 12.62 -0.67 10.33
C TYR B 114 12.23 -1.35 9.05
N ILE B 115 12.61 -2.59 8.91
CA ILE B 115 12.33 -3.37 7.74
C ILE B 115 11.91 -4.77 8.16
N HIS B 116 10.64 -5.07 7.94
CA HIS B 116 10.05 -6.36 8.28
C HIS B 116 8.87 -6.65 7.36
N PRO B 117 8.68 -7.94 6.99
CA PRO B 117 7.62 -8.35 6.08
C PRO B 117 6.22 -8.46 6.67
N VAL B 118 5.22 -8.23 5.83
CA VAL B 118 3.83 -8.31 6.24
C VAL B 118 3.35 -9.67 5.88
N CYS B 119 2.26 -10.14 6.44
CA CYS B 119 1.83 -11.47 6.05
C CYS B 119 0.77 -11.46 4.97
N LEU B 120 0.68 -12.56 4.23
CA LEU B 120 -0.34 -12.73 3.22
C LEU B 120 -1.42 -13.60 3.86
N PRO B 121 -2.71 -13.29 3.60
CA PRO B 121 -3.82 -14.04 4.20
C PRO B 121 -4.06 -15.41 3.61
N ASP B 122 -4.63 -16.25 4.45
CA ASP B 122 -5.02 -17.60 4.14
C ASP B 122 -6.54 -17.61 4.09
N ARG B 123 -7.10 -18.62 3.51
CA ARG B 123 -8.54 -18.76 3.39
C ARG B 123 -9.37 -18.42 4.66
N GLU B 124 -8.89 -18.83 5.82
CA GLU B 124 -9.61 -18.59 7.04
C GLU B 124 -9.56 -17.16 7.47
N THR B 125 -8.35 -16.62 7.50
CA THR B 125 -8.16 -15.23 7.89
C THR B 125 -8.97 -14.31 7.00
N ALA B 126 -8.86 -14.53 5.70
CA ALA B 126 -9.59 -13.75 4.73
C ALA B 126 -11.06 -13.83 5.04
N ALA B 127 -11.53 -15.06 5.14
CA ALA B 127 -12.91 -15.36 5.44
C ALA B 127 -13.46 -14.60 6.62
N SER B 128 -12.74 -14.60 7.70
CA SER B 128 -13.19 -13.92 8.89
C SER B 128 -12.89 -12.42 9.03
N LEU B 129 -11.77 -11.94 8.46
CA LEU B 129 -11.41 -10.54 8.56
C LEU B 129 -12.09 -9.61 7.53
N LEU B 130 -12.27 -10.05 6.28
CA LEU B 130 -12.89 -9.22 5.27
C LEU B 130 -14.39 -9.13 5.40
N GLN B 131 -14.88 -8.38 6.38
CA GLN B 131 -16.31 -8.27 6.55
C GLN B 131 -16.69 -6.82 6.72
N ALA B 132 -17.72 -6.41 5.99
CA ALA B 132 -18.24 -5.04 6.05
C ALA B 132 -18.36 -4.55 7.47
N GLY B 133 -17.84 -3.39 7.74
CA GLY B 133 -17.94 -2.87 9.06
C GLY B 133 -16.63 -2.92 9.79
N TYR B 134 -15.80 -3.88 9.42
CA TYR B 134 -14.51 -4.01 10.05
C TYR B 134 -13.55 -2.97 9.47
N LYS B 135 -12.62 -2.46 10.32
CA LYS B 135 -11.64 -1.46 9.87
C LYS B 135 -10.24 -2.01 9.52
N GLY B 136 -9.66 -1.41 8.45
CA GLY B 136 -8.34 -1.69 7.92
C GLY B 136 -7.54 -0.39 7.98
N ARG B 137 -6.25 -0.46 7.71
CA ARG B 137 -5.38 0.72 7.75
C ARG B 137 -4.75 1.00 6.40
N VAL B 138 -4.58 2.26 6.05
CA VAL B 138 -3.94 2.55 4.78
C VAL B 138 -2.73 3.44 5.04
N THR B 139 -1.65 3.27 4.25
CA THR B 139 -0.45 4.09 4.39
C THR B 139 0.17 4.52 3.09
N GLY B 140 0.82 5.70 3.12
CA GLY B 140 1.47 6.21 1.94
C GLY B 140 1.91 7.66 2.09
N TRP B 141 2.74 8.08 1.11
CA TRP B 141 3.29 9.41 1.01
C TRP B 141 2.55 10.24 -0.06
N GLY B 142 1.36 9.75 -0.47
CA GLY B 142 0.54 10.38 -1.49
C GLY B 142 -0.09 11.71 -1.03
N ASN B 143 -0.79 12.36 -2.01
CA ASN B 143 -1.44 13.65 -1.84
C ASN B 143 -2.34 13.70 -0.65
N LEU B 144 -2.26 14.85 0.08
CA LEU B 144 -3.02 15.14 1.31
C LEU B 144 -4.40 15.78 1.04
N LYS B 145 -4.61 16.20 -0.18
CA LYS B 145 -5.86 16.83 -0.50
C LYS B 145 -6.14 16.55 -1.95
N GLU B 146 -7.41 16.37 -2.30
CA GLU B 146 -7.75 16.10 -3.71
C GLU B 146 -7.14 17.11 -4.63
N THR B 147 -7.30 18.39 -4.25
CA THR B 147 -6.78 19.49 -5.02
C THR B 147 -6.33 20.57 -4.04
N TRP B 148 -5.55 21.58 -4.48
CA TRP B 148 -5.08 22.64 -3.59
C TRP B 148 -4.48 23.84 -4.32
N THR B 149 -4.54 24.99 -3.63
CA THR B 149 -4.02 26.27 -4.12
C THR B 149 -2.53 26.15 -4.37
N ALA B 150 -2.15 26.30 -5.63
CA ALA B 150 -0.74 26.20 -6.02
C ALA B 150 0.16 27.14 -5.26
N ASN B 151 1.32 26.65 -4.94
CA ASN B 151 2.31 27.44 -4.25
C ASN B 151 1.99 27.84 -2.85
N VAL B 152 0.81 27.63 -2.38
CA VAL B 152 0.52 27.99 -1.01
C VAL B 152 0.45 26.70 -0.18
N GLY B 153 1.64 26.22 0.16
CA GLY B 153 1.79 25.00 0.92
C GLY B 153 2.46 23.92 0.08
N LYS B 154 2.22 22.66 0.48
CA LYS B 154 2.78 21.48 -0.22
C LYS B 154 1.83 20.30 -0.08
N GLY B 155 1.22 19.94 -1.20
CA GLY B 155 0.28 18.87 -1.27
C GLY B 155 0.78 17.56 -0.72
N GLN B 156 2.11 17.40 -0.57
CA GLN B 156 2.62 16.16 -0.06
C GLN B 156 3.19 16.26 1.31
N PRO B 157 2.98 15.21 2.12
CA PRO B 157 3.47 15.17 3.48
C PRO B 157 4.98 15.00 3.55
N SER B 158 5.55 15.26 4.76
CA SER B 158 6.97 15.15 5.06
C SER B 158 7.29 13.73 5.44
N VAL B 159 6.41 13.17 6.25
CA VAL B 159 6.54 11.82 6.71
C VAL B 159 5.35 10.97 6.30
N LEU B 160 5.55 9.65 6.36
CA LEU B 160 4.56 8.66 6.02
C LEU B 160 3.22 8.91 6.76
N GLN B 161 2.11 8.90 6.01
CA GLN B 161 0.76 9.11 6.55
C GLN B 161 -0.05 7.80 6.79
N VAL B 162 -0.89 7.79 7.80
CA VAL B 162 -1.69 6.62 8.08
C VAL B 162 -3.16 6.95 8.30
N VAL B 163 -4.03 6.06 7.82
CA VAL B 163 -5.47 6.23 7.95
C VAL B 163 -6.17 4.85 8.13
N ASN B 164 -7.21 4.81 9.00
CA ASN B 164 -8.02 3.62 9.31
C ASN B 164 -9.42 3.76 8.74
N LEU B 165 -9.76 2.91 7.79
CA LEU B 165 -11.07 2.95 7.16
C LEU B 165 -11.83 1.61 7.30
N PRO B 166 -13.18 1.65 7.22
CA PRO B 166 -14.00 0.46 7.32
C PRO B 166 -14.35 -0.07 5.94
N ILE B 167 -14.62 -1.37 5.86
CA ILE B 167 -15.01 -2.02 4.60
C ILE B 167 -16.48 -1.77 4.34
N VAL B 168 -16.82 -1.57 3.09
CA VAL B 168 -18.18 -1.29 2.69
C VAL B 168 -18.88 -2.47 2.01
N GLU B 169 -20.23 -2.56 2.17
CA GLU B 169 -21.03 -3.63 1.57
C GLU B 169 -20.99 -3.55 0.06
N ARG B 170 -20.73 -4.68 -0.65
CA ARG B 170 -20.68 -4.66 -2.12
C ARG B 170 -21.77 -3.81 -2.76
N PRO B 171 -23.02 -4.00 -2.31
CA PRO B 171 -24.13 -3.25 -2.84
C PRO B 171 -23.87 -1.72 -2.74
N VAL B 172 -23.46 -1.26 -1.57
CA VAL B 172 -23.17 0.13 -1.42
C VAL B 172 -22.04 0.53 -2.41
N CYS B 173 -20.96 -0.27 -2.47
CA CYS B 173 -19.85 0.03 -3.39
C CYS B 173 -20.32 0.14 -4.84
N LYS B 174 -21.05 -0.88 -5.31
CA LYS B 174 -21.55 -0.92 -6.67
C LYS B 174 -22.42 0.26 -7.03
N ASP B 175 -23.24 0.71 -6.09
CA ASP B 175 -24.11 1.83 -6.38
C ASP B 175 -23.43 3.17 -6.27
N SER B 176 -22.11 3.22 -6.27
CA SER B 176 -21.43 4.49 -6.15
C SER B 176 -20.55 4.83 -7.32
N THR B 177 -20.33 3.90 -8.23
CA THR B 177 -19.47 4.21 -9.35
C THR B 177 -20.06 3.76 -10.67
N ARG B 178 -19.91 4.54 -11.70
CA ARG B 178 -20.47 4.04 -12.93
C ARG B 178 -19.51 3.00 -13.50
N ILE B 179 -18.37 2.82 -12.81
CA ILE B 179 -17.36 1.88 -13.24
C ILE B 179 -17.78 0.50 -12.92
N ARG B 180 -17.26 -0.45 -13.71
CA ARG B 180 -17.57 -1.86 -13.55
C ARG B 180 -16.68 -2.58 -12.54
N ILE B 181 -17.13 -2.61 -11.29
CA ILE B 181 -16.38 -3.24 -10.25
C ILE B 181 -16.45 -4.75 -10.36
N THR B 182 -15.40 -5.44 -9.97
CA THR B 182 -15.39 -6.88 -10.09
C THR B 182 -15.12 -7.58 -8.77
N ASP B 183 -15.09 -8.90 -8.82
CA ASP B 183 -14.85 -9.71 -7.63
C ASP B 183 -13.43 -9.63 -7.10
N ASN B 184 -12.54 -8.97 -7.88
CA ASN B 184 -11.17 -8.82 -7.47
C ASN B 184 -10.93 -7.44 -6.86
N MET B 185 -12.03 -6.78 -6.43
CA MET B 185 -12.03 -5.44 -5.84
C MET B 185 -12.83 -5.38 -4.58
N PHE B 186 -12.62 -4.36 -3.82
CA PHE B 186 -13.35 -4.15 -2.61
C PHE B 186 -13.26 -2.70 -2.21
N CYS B 187 -14.20 -2.21 -1.42
CA CYS B 187 -14.12 -0.81 -1.09
C CYS B 187 -14.14 -0.54 0.37
N ALA B 188 -13.66 0.64 0.71
CA ALA B 188 -13.58 1.08 2.09
C ALA B 188 -13.75 2.57 2.16
N GLY B 189 -14.10 3.08 3.36
CA GLY B 189 -14.31 4.51 3.60
C GLY B 189 -15.57 4.75 4.39
N TYR B 190 -15.70 5.89 5.02
CA TYR B 190 -16.89 6.15 5.79
C TYR B 190 -18.05 6.59 4.94
N LYS B 191 -19.28 6.47 5.47
CA LYS B 191 -20.48 6.88 4.74
C LYS B 191 -20.82 8.31 5.10
N PRO B 192 -21.57 9.01 4.24
CA PRO B 192 -21.89 10.38 4.53
C PRO B 192 -22.48 10.63 5.91
N ASP B 193 -23.22 9.68 6.38
CA ASP B 193 -23.82 9.79 7.68
C ASP B 193 -22.92 9.28 8.81
N GLU B 194 -21.68 8.88 8.50
CA GLU B 194 -20.80 8.35 9.55
C GLU B 194 -20.07 9.32 10.45
N GLY B 195 -20.00 10.59 10.07
CA GLY B 195 -19.32 11.56 10.91
C GLY B 195 -17.77 11.58 10.91
N LYS B 196 -17.12 10.74 10.07
CA LYS B 196 -15.66 10.68 9.95
C LYS B 196 -15.28 10.68 8.51
N ARG B 197 -13.98 10.84 8.23
CA ARG B 197 -13.47 10.88 6.86
C ARG B 197 -12.10 10.26 6.67
N GLY B 198 -11.69 10.26 5.42
CA GLY B 198 -10.40 9.74 5.09
C GLY B 198 -10.47 8.98 3.84
N ASP B 199 -9.32 8.94 3.11
CA ASP B 199 -9.21 8.22 1.85
C ASP B 199 -7.77 8.18 1.36
N ALA B 200 -7.48 7.30 0.42
CA ALA B 200 -6.15 7.25 -0.11
C ALA B 200 -6.20 8.26 -1.23
N CYS B 201 -5.14 8.45 -2.01
CA CYS B 201 -5.23 9.45 -3.06
C CYS B 201 -4.06 9.25 -4.00
N GLU B 202 -3.95 10.04 -5.10
CA GLU B 202 -2.81 9.88 -6.01
C GLU B 202 -1.51 9.83 -5.25
N GLY B 203 -0.64 8.87 -5.65
CA GLY B 203 0.66 8.68 -5.03
C GLY B 203 0.64 7.57 -3.99
N ASP B 204 -0.58 7.25 -3.54
CA ASP B 204 -0.81 6.20 -2.56
C ASP B 204 -0.91 4.82 -3.20
N SER B 205 -1.22 4.75 -4.50
CA SER B 205 -1.35 3.46 -5.19
C SER B 205 -0.20 2.53 -4.90
N GLY B 206 -0.52 1.24 -4.78
CA GLY B 206 0.47 0.23 -4.48
C GLY B 206 0.65 0.02 -2.99
N GLY B 207 0.13 0.96 -2.22
CA GLY B 207 0.24 0.84 -0.77
C GLY B 207 -0.62 -0.30 -0.27
N PRO B 208 -0.37 -0.75 0.93
CA PRO B 208 -1.14 -1.83 1.45
C PRO B 208 -2.28 -1.43 2.35
N PHE B 209 -3.37 -2.17 2.26
CA PHE B 209 -4.50 -1.98 3.11
C PHE B 209 -4.35 -3.17 4.07
N VAL B 210 -3.88 -2.93 5.28
CA VAL B 210 -3.67 -4.06 6.16
C VAL B 210 -4.69 -4.19 7.29
N MET B 211 -4.72 -5.39 7.93
CA MET B 211 -5.61 -5.69 9.06
C MET B 211 -4.87 -6.51 10.13
N LYS B 212 -5.29 -6.35 11.39
CA LYS B 212 -4.68 -7.05 12.53
C LYS B 212 -5.60 -8.16 13.13
N SER B 213 -5.01 -9.30 13.45
CA SER B 213 -5.74 -10.39 14.03
C SER B 213 -5.53 -10.47 15.53
N PRO B 214 -6.61 -10.32 16.28
CA PRO B 214 -6.55 -10.34 17.75
C PRO B 214 -6.11 -11.72 18.35
N PHE B 215 -6.17 -12.78 17.56
CA PHE B 215 -5.80 -14.07 18.05
C PHE B 215 -4.36 -14.41 17.92
N ASN B 216 -3.74 -14.04 16.81
CA ASN B 216 -2.33 -14.36 16.63
C ASN B 216 -1.45 -13.15 16.64
N ASN B 217 -2.09 -11.99 16.86
CA ASN B 217 -1.45 -10.70 16.96
C ASN B 217 -0.65 -10.18 15.74
N ARG B 218 -0.81 -10.79 14.58
CA ARG B 218 -0.08 -10.36 13.44
C ARG B 218 -0.86 -9.61 12.38
N TRP B 219 -0.12 -8.77 11.59
CA TRP B 219 -0.67 -7.94 10.52
C TRP B 219 -0.79 -8.69 9.23
N TYR B 220 -1.94 -8.52 8.56
CA TYR B 220 -2.20 -9.19 7.29
C TYR B 220 -2.56 -8.20 6.20
N GLN B 221 -1.94 -8.36 5.04
CA GLN B 221 -2.25 -7.50 3.94
C GLN B 221 -3.42 -8.05 3.16
N MET B 222 -4.58 -7.40 3.29
CA MET B 222 -5.82 -7.81 2.61
C MET B 222 -6.06 -7.12 1.26
N GLY B 223 -5.51 -5.91 1.08
CA GLY B 223 -5.69 -5.21 -0.19
C GLY B 223 -4.52 -4.32 -0.61
N ILE B 224 -4.67 -3.78 -1.84
CA ILE B 224 -3.71 -2.89 -2.48
C ILE B 224 -4.38 -1.63 -2.99
N VAL B 225 -3.87 -0.44 -2.63
CA VAL B 225 -4.45 0.85 -3.11
C VAL B 225 -4.51 0.78 -4.66
N SER B 226 -5.74 0.90 -5.21
CA SER B 226 -5.95 0.77 -6.64
C SER B 226 -6.50 1.92 -7.38
N TRP B 227 -7.75 2.31 -7.12
CA TRP B 227 -8.35 3.43 -7.83
C TRP B 227 -9.44 4.17 -7.04
N GLY B 228 -9.89 5.28 -7.58
CA GLY B 228 -10.92 6.09 -6.92
C GLY B 228 -11.36 7.24 -7.82
N GLU B 229 -12.36 7.95 -7.35
CA GLU B 229 -12.92 9.10 -8.04
C GLU B 229 -12.79 10.31 -7.11
N GLY B 230 -11.72 11.08 -7.31
CA GLY B 230 -11.45 12.22 -6.48
C GLY B 230 -10.82 11.69 -5.20
N CYS B 231 -10.74 12.52 -4.19
CA CYS B 231 -10.19 12.06 -2.93
C CYS B 231 -11.07 12.56 -1.83
N ASP B 232 -11.52 11.66 -0.95
CA ASP B 232 -12.36 12.02 0.18
C ASP B 232 -13.72 12.68 -0.17
N ARG B 233 -14.29 12.37 -1.36
CA ARG B 233 -15.61 12.92 -1.73
C ARG B 233 -16.75 12.21 -1.03
N ASP B 234 -17.79 12.94 -0.63
CA ASP B 234 -18.91 12.29 0.04
C ASP B 234 -19.66 11.41 -0.91
N GLY B 235 -20.04 10.24 -0.40
CA GLY B 235 -20.79 9.29 -1.16
C GLY B 235 -19.99 8.56 -2.18
N LYS B 236 -18.67 8.66 -2.02
CA LYS B 236 -17.65 8.02 -2.85
C LYS B 236 -16.66 7.22 -1.93
N TYR B 237 -16.18 6.04 -2.44
CA TYR B 237 -15.25 5.14 -1.73
C TYR B 237 -14.02 4.72 -2.55
N GLY B 238 -12.95 4.40 -1.85
CA GLY B 238 -11.72 3.99 -2.52
C GLY B 238 -11.78 2.51 -2.84
N PHE B 239 -11.23 2.15 -3.97
CA PHE B 239 -11.24 0.75 -4.36
C PHE B 239 -9.85 0.11 -4.19
N TYR B 240 -9.84 -1.12 -3.72
CA TYR B 240 -8.62 -1.83 -3.50
C TYR B 240 -8.58 -3.16 -4.21
N THR B 241 -7.37 -3.61 -4.52
CA THR B 241 -7.17 -4.89 -5.13
C THR B 241 -7.31 -5.95 -4.06
N HIS B 242 -8.13 -6.99 -4.36
CA HIS B 242 -8.40 -8.10 -3.46
C HIS B 242 -7.25 -9.09 -3.47
N VAL B 243 -6.30 -8.94 -2.54
CA VAL B 243 -5.13 -9.81 -2.46
C VAL B 243 -5.47 -11.26 -2.27
N PHE B 244 -6.50 -11.56 -1.48
CA PHE B 244 -6.84 -12.94 -1.30
C PHE B 244 -7.16 -13.68 -2.57
N ARG B 245 -8.06 -13.12 -3.41
CA ARG B 245 -8.47 -13.72 -4.69
C ARG B 245 -7.30 -13.88 -5.65
N LEU B 246 -6.28 -13.03 -5.56
CA LEU B 246 -5.17 -13.14 -6.51
C LEU B 246 -3.99 -13.96 -6.02
N LYS B 247 -4.10 -14.42 -4.79
CA LYS B 247 -3.09 -15.23 -4.13
C LYS B 247 -2.48 -16.41 -4.94
N LYS B 248 -3.26 -17.11 -5.78
CA LYS B 248 -2.73 -18.22 -6.59
C LYS B 248 -1.79 -17.68 -7.64
N TRP B 249 -2.11 -16.51 -8.22
CA TRP B 249 -1.21 -15.94 -9.18
C TRP B 249 0.17 -15.63 -8.48
N ILE B 250 0.10 -15.04 -7.27
CA ILE B 250 1.31 -14.72 -6.51
C ILE B 250 2.10 -15.98 -6.33
N GLN B 251 1.43 -16.98 -5.78
CA GLN B 251 2.00 -18.27 -5.52
C GLN B 251 2.66 -18.87 -6.73
N LYS B 252 2.00 -18.78 -7.85
CA LYS B 252 2.56 -19.31 -9.05
C LYS B 252 3.85 -18.65 -9.44
N VAL B 253 3.87 -17.29 -9.42
CA VAL B 253 5.04 -16.48 -9.77
C VAL B 253 6.22 -16.64 -8.82
N ILE B 254 5.95 -16.58 -7.52
CA ILE B 254 6.96 -16.72 -6.52
C ILE B 254 7.70 -18.06 -6.57
N ASP B 255 7.03 -19.19 -6.63
CA ASP B 255 7.77 -20.45 -6.70
C ASP B 255 8.75 -20.77 -5.57
N GLN B 256 8.37 -20.63 -4.32
CA GLN B 256 9.29 -20.93 -3.25
C GLN B 256 9.87 -22.33 -3.25
N PHE B 257 9.21 -23.28 -3.88
CA PHE B 257 9.72 -24.63 -3.82
C PHE B 257 10.28 -25.23 -5.12
N GLY B 258 10.50 -24.49 -6.11
CA ASP C 1 12.60 18.54 -2.74
C ASP C 1 13.34 17.36 -2.10
N PHE C 2 13.80 16.42 -2.92
CA PHE C 2 14.54 15.23 -2.46
C PHE C 2 16.02 15.41 -2.20
N GLU C 3 16.48 14.82 -1.12
CA GLU C 3 17.88 14.86 -0.81
C GLU C 3 18.55 13.91 -1.76
N GLU C 4 19.84 14.07 -2.00
CA GLU C 4 20.47 13.16 -2.93
C GLU C 4 20.98 11.85 -2.39
N ILE C 5 20.77 10.79 -3.20
CA ILE C 5 21.23 9.45 -2.85
C ILE C 5 22.52 9.20 -3.60
N PRO C 6 23.29 8.25 -3.17
CA PRO C 6 24.53 7.97 -3.85
C PRO C 6 24.31 7.75 -5.36
N GLU C 7 25.18 8.36 -6.20
CA GLU C 7 25.09 8.27 -7.66
C GLU C 7 25.25 6.91 -8.19
N GLU C 8 25.83 6.06 -7.39
CA GLU C 8 26.04 4.69 -7.79
C GLU C 8 24.73 4.05 -8.28
N TYR C 9 23.63 4.45 -7.65
CA TYR C 9 22.30 3.95 -7.95
C TYR C 9 21.58 4.65 -9.07
N LEU C 10 21.91 5.92 -9.25
CA LEU C 10 21.29 6.74 -10.28
C LEU C 10 22.00 6.66 -11.62
N GLN C 11 22.62 5.49 -11.90
CA GLN C 11 23.40 5.23 -13.14
C GLN C 11 24.88 5.62 -12.90
N 0G6 D . -9.18 8.38 -10.82
CA 0G6 D . -9.05 7.20 -11.66
C 0G6 D . -8.00 6.35 -11.03
O 0G6 D . -8.09 6.07 -9.84
CB 0G6 D . -10.42 6.44 -11.82
CG 0G6 D . -10.37 5.28 -12.77
CD1 0G6 D . -9.99 5.42 -14.09
CD2 0G6 D . -10.69 3.98 -12.31
CE1 0G6 D . -9.94 4.33 -14.97
CE2 0G6 D . -10.63 2.88 -13.16
CZ 0G6 D . -10.25 3.06 -14.50
N1 0G6 D . -7.00 5.96 -11.77
CA1 0G6 D . -5.96 5.17 -11.19
C1 0G6 D . -5.27 5.97 -10.11
O1 0G6 D . -5.15 7.20 -10.22
CB1 0G6 D . -4.94 4.89 -12.27
CG1 0G6 D . -5.55 5.37 -13.57
CD 0G6 D . -6.91 5.97 -13.24
N2 0G6 D . -4.82 5.28 -9.06
CA2 0G6 D . -4.13 5.92 -7.97
C2 0G6 D . -2.73 5.32 -7.94
O2 0G6 D . -1.86 6.11 -7.18
CB2 0G6 D . -4.80 5.78 -6.65
CG2 0G6 D . -5.98 6.69 -6.52
CD3 0G6 D . -6.72 6.43 -5.21
NE 0G6 D . -7.87 7.29 -4.97
CZ1 0G6 D . -8.70 7.10 -3.93
NH1 0G6 D . -8.50 6.11 -3.07
NH2 0G6 D . -9.74 7.92 -3.74
C3 0G6 D . -2.02 4.94 -9.32
#